data_4LFG
#
_entry.id   4LFG
#
_cell.length_a   70.385
_cell.length_b   74.326
_cell.length_c   124.473
_cell.angle_alpha   90.00
_cell.angle_beta   90.00
_cell.angle_gamma   90.00
#
_symmetry.space_group_name_H-M   'P 21 21 21'
#
loop_
_entity.id
_entity.type
_entity.pdbx_description
1 polymer 'Geranylgeranyl Diphosphate Synthase'
2 non-polymer '3-METHYLBUT-3-ENYL TRIHYDROGEN DIPHOSPHATE'
3 non-polymer 'MAGNESIUM ION'
4 water water
#
_entity_poly.entity_id   1
_entity_poly.type   'polypeptide(L)'
_entity_poly.pdbx_seq_one_letter_code
;SMDKLKKIDQTIHAFYCEKAVISEKLNEAVLYSINAGGKRIRPILFLEVIEALQIPLTESHFKAAAALEMIHTGSLIHDD
LPAMDNDDYRRGQLTNHKKFDEATAILAGDSLFLDAFGMLAETDFPTDVTVDLVRSLSSASGTFGMVGGQMLDMAAEGKK
LNLKNLQLIHRHKTGQLLAYPFWAAARVAQLDENLLATFLEIGMIIGLAFQVRDDILDITANFEEIGKTPKKDVMAEKMT
YPHLLGLNESYQILDESLDQAEAILRKLSDEIAFAPQKILSLIERLRLDA
;
_entity_poly.pdbx_strand_id   A,B
#
loop_
_chem_comp.id
_chem_comp.type
_chem_comp.name
_chem_comp.formula
IPE non-polymer '3-METHYLBUT-3-ENYL TRIHYDROGEN DIPHOSPHATE' 'C5 H12 O7 P2'
MG non-polymer 'MAGNESIUM ION' 'Mg 2'
#
# COMPACT_ATOMS: atom_id res chain seq x y z
N SER A 1 29.80 9.82 -3.22
CA SER A 1 29.72 11.11 -3.97
C SER A 1 28.88 12.13 -3.20
N MET A 2 27.58 12.13 -3.44
CA MET A 2 26.67 13.03 -2.72
C MET A 2 26.38 12.37 -1.38
N ASP A 3 25.99 13.17 -0.39
CA ASP A 3 25.55 12.61 0.86
C ASP A 3 24.27 11.83 0.60
N LYS A 4 24.31 10.52 0.89
CA LYS A 4 23.18 9.65 0.58
C LYS A 4 21.93 10.00 1.36
N LEU A 5 22.07 10.34 2.63
CA LEU A 5 20.91 10.64 3.46
C LEU A 5 20.15 11.82 2.87
N LYS A 6 20.88 12.89 2.54
CA LYS A 6 20.26 14.08 1.99
C LYS A 6 19.62 13.84 0.63
N LYS A 7 20.30 13.06 -0.20
CA LYS A 7 19.79 12.73 -1.53
C LYS A 7 18.52 11.85 -1.47
N ILE A 8 18.50 10.89 -0.57
CA ILE A 8 17.30 10.06 -0.36
C ILE A 8 16.11 10.96 0.00
N ASP A 9 16.32 11.84 0.96
CA ASP A 9 15.25 12.72 1.39
C ASP A 9 14.83 13.69 0.31
N GLN A 10 15.78 14.24 -0.44
CA GLN A 10 15.46 15.09 -1.58
C GLN A 10 14.63 14.35 -2.64
N THR A 11 14.93 13.07 -2.84
CA THR A 11 14.23 12.23 -3.80
C THR A 11 12.76 12.06 -3.37
N ILE A 12 12.55 11.80 -2.08
CA ILE A 12 11.20 11.66 -1.55
C ILE A 12 10.47 13.01 -1.66
N HIS A 13 11.14 14.09 -1.23
CA HIS A 13 10.56 15.44 -1.35
C HIS A 13 10.10 15.75 -2.77
N ALA A 14 10.94 15.42 -3.75
CA ALA A 14 10.66 15.73 -5.15
C ALA A 14 9.43 14.97 -5.66
N PHE A 15 9.27 13.73 -5.22
CA PHE A 15 8.10 12.96 -5.57
C PHE A 15 6.82 13.68 -5.17
N TYR A 16 6.83 14.30 -3.99
CA TYR A 16 5.65 14.98 -3.46
C TYR A 16 5.46 16.38 -4.00
N CYS A 17 6.53 17.00 -4.50
CA CYS A 17 6.49 18.38 -5.01
C CYS A 17 6.45 18.49 -6.55
N GLU A 18 6.73 17.40 -7.24
CA GLU A 18 6.78 17.39 -8.72
C GLU A 18 5.41 17.27 -9.37
N LYS A 19 4.48 16.80 -8.59
CA LYS A 19 3.03 16.82 -9.06
CA LYS A 19 3.09 16.80 -9.05
C LYS A 19 2.04 17.89 -8.34
N ALA A 20 1.08 18.28 -9.13
CA ALA A 20 0.13 19.27 -8.58
C ALA A 20 -0.54 18.73 -7.30
N VAL A 21 -0.44 19.50 -6.22
CA VAL A 21 -0.94 19.02 -4.92
C VAL A 21 -2.45 18.86 -4.92
N ILE A 22 -2.91 17.76 -4.33
CA ILE A 22 -4.34 17.52 -4.15
C ILE A 22 -4.74 17.92 -2.74
N SER A 23 -4.04 17.38 -1.73
CA SER A 23 -4.22 17.80 -0.34
C SER A 23 -2.90 18.26 0.26
N GLU A 24 -2.76 19.56 0.49
CA GLU A 24 -1.56 20.06 1.15
C GLU A 24 -1.40 19.46 2.56
N LYS A 25 -2.51 19.24 3.25
CA LYS A 25 -2.45 18.65 4.59
C LYS A 25 -1.85 17.25 4.54
N LEU A 26 -2.22 16.47 3.53
CA LEU A 26 -1.65 15.12 3.37
C LEU A 26 -0.16 15.16 3.11
N ASN A 27 0.27 16.00 2.18
CA ASN A 27 1.68 16.13 1.85
C ASN A 27 2.45 16.54 3.10
N GLU A 28 1.87 17.46 3.87
CA GLU A 28 2.53 17.96 5.08
C GLU A 28 2.71 16.84 6.10
N ALA A 29 1.69 16.00 6.26
CA ALA A 29 1.72 14.91 7.23
C ALA A 29 2.73 13.84 6.85
N VAL A 30 2.74 13.49 5.57
CA VAL A 30 3.73 12.53 5.09
C VAL A 30 5.15 13.04 5.33
N LEU A 31 5.41 14.25 4.89
CA LEU A 31 6.76 14.79 5.01
C LEU A 31 7.17 15.02 6.47
N TYR A 32 6.20 15.29 7.33
CA TYR A 32 6.51 15.46 8.74
C TYR A 32 7.22 14.23 9.27
N SER A 33 6.68 13.04 8.99
CA SER A 33 7.26 11.79 9.49
C SER A 33 8.61 11.46 8.83
N ILE A 34 8.70 11.71 7.53
CA ILE A 34 9.96 11.57 6.83
C ILE A 34 11.01 12.50 7.45
N ASN A 35 10.64 13.77 7.64
CA ASN A 35 11.61 14.77 8.14
C ASN A 35 11.92 14.70 9.64
N ALA A 36 11.18 13.89 10.40
CA ALA A 36 11.38 13.81 11.85
C ALA A 36 12.72 13.19 12.19
N GLY A 37 13.19 12.30 11.33
CA GLY A 37 14.47 11.65 11.53
C GLY A 37 14.49 10.28 10.87
N GLY A 38 15.30 9.40 11.42
CA GLY A 38 15.44 8.04 10.91
C GLY A 38 16.87 7.84 10.44
N LYS A 39 17.39 6.65 10.69
CA LYS A 39 18.75 6.31 10.31
C LYS A 39 18.91 5.99 8.82
N ARG A 40 17.79 5.78 8.13
CA ARG A 40 17.78 5.46 6.70
C ARG A 40 18.62 4.21 6.39
N ILE A 41 18.67 3.26 7.33
CA ILE A 41 19.53 2.07 7.13
C ILE A 41 19.11 1.26 5.90
N ARG A 42 17.81 1.13 5.68
CA ARG A 42 17.31 0.32 4.57
C ARG A 42 17.71 0.86 3.19
N PRO A 43 17.38 2.12 2.89
CA PRO A 43 17.83 2.67 1.60
C PRO A 43 19.36 2.76 1.48
N ILE A 44 20.05 3.06 2.58
CA ILE A 44 21.52 3.17 2.55
C ILE A 44 22.13 1.82 2.19
N LEU A 45 21.61 0.74 2.76
CA LEU A 45 22.14 -0.60 2.43
C LEU A 45 21.96 -0.95 0.95
N PHE A 46 20.79 -0.67 0.38
CA PHE A 46 20.57 -0.85 -1.05
C PHE A 46 21.66 -0.09 -1.85
N LEU A 47 21.82 1.20 -1.55
CA LEU A 47 22.76 2.06 -2.30
C LEU A 47 24.20 1.59 -2.12
N GLU A 48 24.53 1.18 -0.91
CA GLU A 48 25.88 0.65 -0.63
C GLU A 48 26.15 -0.66 -1.34
N VAL A 49 25.16 -1.53 -1.49
CA VAL A 49 25.39 -2.77 -2.22
C VAL A 49 25.58 -2.50 -3.73
N ILE A 50 24.77 -1.63 -4.30
CA ILE A 50 24.96 -1.16 -5.69
C ILE A 50 26.39 -0.62 -5.92
N GLU A 51 26.86 0.24 -5.02
CA GLU A 51 28.21 0.80 -5.12
C GLU A 51 29.29 -0.23 -4.90
N ALA A 52 29.07 -1.16 -3.97
CA ALA A 52 30.03 -2.24 -3.71
C ALA A 52 30.19 -3.11 -4.93
N LEU A 53 29.11 -3.27 -5.71
CA LEU A 53 29.13 -3.99 -6.98
C LEU A 53 29.63 -3.18 -8.18
N GLN A 54 30.23 -2.03 -7.88
CA GLN A 54 30.92 -1.19 -8.85
C GLN A 54 29.99 -0.50 -9.84
N ILE A 55 28.72 -0.37 -9.48
CA ILE A 55 27.74 0.30 -10.34
C ILE A 55 27.63 1.77 -9.92
N PRO A 56 27.91 2.72 -10.83
CA PRO A 56 27.75 4.14 -10.48
C PRO A 56 26.29 4.47 -10.13
N LEU A 57 26.10 5.24 -9.07
CA LEU A 57 24.75 5.55 -8.61
C LEU A 57 24.06 6.53 -9.56
N THR A 58 22.79 6.26 -9.84
CA THR A 58 21.94 7.10 -10.69
C THR A 58 20.71 7.53 -9.93
N GLU A 59 19.97 8.47 -10.51
CA GLU A 59 18.68 8.87 -9.96
C GLU A 59 17.76 7.67 -9.68
N SER A 60 17.79 6.71 -10.58
CA SER A 60 16.96 5.51 -10.47
C SER A 60 17.28 4.72 -9.21
N HIS A 61 18.56 4.59 -8.87
CA HIS A 61 18.91 3.86 -7.63
C HIS A 61 18.33 4.60 -6.43
N PHE A 62 18.39 5.93 -6.46
CA PHE A 62 17.86 6.71 -5.33
C PHE A 62 16.36 6.61 -5.24
N LYS A 63 15.69 6.47 -6.39
CA LYS A 63 14.24 6.29 -6.38
C LYS A 63 13.85 4.94 -5.79
N ALA A 64 14.55 3.89 -6.19
CA ALA A 64 14.28 2.56 -5.64
C ALA A 64 14.55 2.55 -4.14
N ALA A 65 15.63 3.20 -3.70
CA ALA A 65 15.95 3.31 -2.28
C ALA A 65 14.84 4.06 -1.54
N ALA A 66 14.38 5.15 -2.15
CA ALA A 66 13.37 6.00 -1.54
C ALA A 66 12.05 5.24 -1.37
N ALA A 67 11.69 4.42 -2.35
CA ALA A 67 10.47 3.63 -2.28
C ALA A 67 10.48 2.70 -1.06
N LEU A 68 11.62 2.06 -0.84
CA LEU A 68 11.80 1.22 0.33
C LEU A 68 11.63 2.02 1.62
N GLU A 69 12.26 3.19 1.70
CA GLU A 69 12.13 4.01 2.88
C GLU A 69 10.69 4.48 3.10
N MET A 70 9.96 4.72 2.02
CA MET A 70 8.57 5.12 2.10
C MET A 70 7.73 4.04 2.75
N ILE A 71 7.90 2.78 2.33
CA ILE A 71 7.15 1.68 2.96
C ILE A 71 7.52 1.58 4.44
N HIS A 72 8.82 1.62 4.73
CA HIS A 72 9.29 1.57 6.12
C HIS A 72 8.63 2.69 6.98
N THR A 73 8.62 3.90 6.45
CA THR A 73 8.03 5.03 7.14
C THR A 73 6.52 4.83 7.39
N GLY A 74 5.78 4.38 6.38
CA GLY A 74 4.37 4.12 6.55
C GLY A 74 4.13 3.10 7.66
N SER A 75 4.98 2.08 7.71
CA SER A 75 4.85 1.03 8.71
C SER A 75 5.02 1.59 10.13
N LEU A 76 5.91 2.54 10.31
CA LEU A 76 6.12 3.18 11.63
C LEU A 76 4.92 3.99 12.04
N ILE A 77 4.37 4.74 11.09
CA ILE A 77 3.22 5.61 11.38
C ILE A 77 2.06 4.77 11.89
N HIS A 78 1.79 3.65 11.23
CA HIS A 78 0.69 2.78 11.67
C HIS A 78 1.04 2.02 12.93
N ASP A 79 2.30 1.65 13.08
CA ASP A 79 2.74 0.91 14.27
C ASP A 79 2.54 1.74 15.54
N ASP A 80 2.68 3.07 15.43
CA ASP A 80 2.55 3.98 16.59
C ASP A 80 1.12 4.30 16.99
N LEU A 81 0.15 3.99 16.13
CA LEU A 81 -1.21 4.37 16.37
C LEU A 81 -1.76 3.83 17.69
N PRO A 82 -2.75 4.51 18.25
CA PRO A 82 -3.37 4.08 19.50
C PRO A 82 -3.87 2.64 19.51
N ALA A 83 -4.45 2.19 18.40
CA ALA A 83 -4.89 0.79 18.31
C ALA A 83 -3.75 -0.22 18.23
N MET A 84 -2.55 0.25 17.89
CA MET A 84 -1.37 -0.59 17.78
C MET A 84 -0.51 -0.34 19.02
N ASP A 85 0.68 0.25 18.88
CA ASP A 85 1.61 0.37 20.01
C ASP A 85 1.36 1.62 20.87
N ASN A 86 0.56 2.56 20.35
CA ASN A 86 0.12 3.73 21.13
C ASN A 86 1.28 4.56 21.70
N ASP A 87 2.22 4.96 20.86
CA ASP A 87 3.35 5.79 21.30
C ASP A 87 3.05 7.22 20.93
N ASP A 88 3.39 8.10 21.86
CA ASP A 88 3.32 9.53 21.60
C ASP A 88 4.56 10.10 20.93
N TYR A 89 5.67 9.33 20.92
CA TYR A 89 6.94 9.78 20.34
C TYR A 89 7.56 8.76 19.38
N ARG A 90 8.18 9.27 18.32
CA ARG A 90 8.89 8.51 17.27
C ARG A 90 9.94 9.47 16.68
N ARG A 91 11.16 8.98 16.53
CA ARG A 91 12.25 9.79 15.94
C ARG A 91 12.48 11.10 16.69
N GLY A 92 12.25 11.06 18.01
CA GLY A 92 12.54 12.19 18.89
C GLY A 92 11.45 13.26 18.88
N GLN A 93 10.37 13.00 18.16
CA GLN A 93 9.31 13.97 17.97
C GLN A 93 7.96 13.34 18.26
N LEU A 94 6.92 14.16 18.37
CA LEU A 94 5.57 13.65 18.43
C LEU A 94 5.33 12.73 17.25
N THR A 95 4.65 11.62 17.52
CA THR A 95 4.21 10.75 16.46
C THR A 95 3.21 11.48 15.56
N ASN A 96 3.04 10.95 14.36
CA ASN A 96 2.18 11.58 13.37
C ASN A 96 0.77 11.89 13.91
N HIS A 97 0.15 10.91 14.57
CA HIS A 97 -1.21 11.11 15.07
C HIS A 97 -1.30 12.09 16.25
N LYS A 98 -0.20 12.29 16.98
CA LYS A 98 -0.16 13.25 18.09
C LYS A 98 0.20 14.64 17.60
N LYS A 99 0.98 14.74 16.54
CA LYS A 99 1.20 15.99 15.83
C LYS A 99 -0.05 16.54 15.10
N PHE A 100 -0.74 15.61 14.45
CA PHE A 100 -1.89 15.90 13.63
C PHE A 100 -3.12 15.32 14.29
N ASP A 101 -3.64 14.26 13.73
CA ASP A 101 -4.69 13.50 14.36
C ASP A 101 -4.72 12.04 13.87
N GLU A 102 -5.57 11.21 14.44
CA GLU A 102 -5.58 9.79 14.06
C GLU A 102 -5.88 9.57 12.57
N ALA A 103 -6.92 10.22 12.06
CA ALA A 103 -7.30 10.11 10.65
C ALA A 103 -6.13 10.47 9.71
N THR A 104 -5.48 11.58 10.03
CA THR A 104 -4.37 12.06 9.23
C THR A 104 -3.25 11.02 9.18
N ALA A 105 -2.93 10.45 10.34
CA ALA A 105 -1.86 9.44 10.44
C ALA A 105 -2.21 8.16 9.69
N ILE A 106 -3.44 7.71 9.81
CA ILE A 106 -3.89 6.55 9.04
C ILE A 106 -3.66 6.81 7.56
N LEU A 107 -4.18 7.94 7.08
CA LEU A 107 -4.06 8.27 5.67
C LEU A 107 -2.62 8.52 5.22
N ALA A 108 -1.80 9.13 6.07
CA ALA A 108 -0.39 9.37 5.75
C ALA A 108 0.34 8.05 5.53
N GLY A 109 0.08 7.06 6.38
CA GLY A 109 0.70 5.75 6.21
C GLY A 109 0.22 5.09 4.93
N ASP A 110 -1.09 5.21 4.66
CA ASP A 110 -1.67 4.62 3.44
C ASP A 110 -1.04 5.21 2.20
N SER A 111 -0.91 6.52 2.20
CA SER A 111 -0.20 7.24 1.12
C SER A 111 1.18 6.69 0.85
N LEU A 112 1.95 6.52 1.92
CA LEU A 112 3.33 6.07 1.78
C LEU A 112 3.38 4.69 1.15
N PHE A 113 2.49 3.79 1.57
CA PHE A 113 2.44 2.44 1.00
C PHE A 113 2.11 2.48 -0.51
N LEU A 114 1.08 3.23 -0.84
CA LEU A 114 0.58 3.28 -2.21
C LEU A 114 1.52 4.07 -3.12
N ASP A 115 2.05 5.17 -2.61
CA ASP A 115 3.00 6.02 -3.35
C ASP A 115 4.32 5.31 -3.64
N ALA A 116 4.76 4.46 -2.72
CA ALA A 116 6.04 3.76 -2.84
C ALA A 116 6.16 3.00 -4.18
N PHE A 117 5.08 2.38 -4.60
CA PHE A 117 5.12 1.61 -5.84
C PHE A 117 5.16 2.51 -7.05
N GLY A 118 4.54 3.69 -6.95
CA GLY A 118 4.67 4.71 -8.00
C GLY A 118 6.10 5.20 -8.12
N MET A 119 6.71 5.48 -6.98
CA MET A 119 8.12 5.85 -6.93
C MET A 119 9.00 4.80 -7.62
N LEU A 120 8.78 3.54 -7.29
CA LEU A 120 9.58 2.46 -7.82
C LEU A 120 9.37 2.34 -9.33
N ALA A 121 8.16 2.57 -9.81
CA ALA A 121 7.88 2.47 -11.23
C ALA A 121 8.36 3.68 -12.05
N GLU A 122 8.92 4.69 -11.37
CA GLU A 122 9.51 5.87 -12.03
C GLU A 122 10.97 5.67 -12.46
N THR A 123 11.58 4.54 -12.11
CA THR A 123 13.00 4.33 -12.38
C THR A 123 13.21 4.11 -13.89
N ASP A 124 14.47 4.19 -14.31
CA ASP A 124 14.85 3.88 -15.70
C ASP A 124 15.44 2.47 -15.79
N PHE A 125 15.20 1.63 -14.78
CA PHE A 125 15.67 0.25 -14.85
C PHE A 125 14.97 -0.44 -16.02
N PRO A 126 15.57 -1.53 -16.54
CA PRO A 126 14.84 -2.38 -17.48
C PRO A 126 13.53 -2.81 -16.84
N THR A 127 12.47 -2.89 -17.64
CA THR A 127 11.14 -3.13 -17.06
C THR A 127 11.02 -4.49 -16.40
N ASP A 128 11.80 -5.48 -16.86
CA ASP A 128 11.74 -6.80 -16.23
C ASP A 128 12.32 -6.72 -14.81
N VAL A 129 13.35 -5.88 -14.65
CA VAL A 129 13.91 -5.63 -13.33
C VAL A 129 12.86 -4.97 -12.43
N THR A 130 12.23 -3.91 -12.93
CA THR A 130 11.23 -3.20 -12.12
C THR A 130 10.08 -4.10 -11.69
N VAL A 131 9.59 -4.93 -12.60
CA VAL A 131 8.51 -5.85 -12.26
C VAL A 131 8.92 -6.79 -11.12
N ASP A 132 10.12 -7.34 -11.20
CA ASP A 132 10.63 -8.20 -10.14
C ASP A 132 10.79 -7.45 -8.80
N LEU A 133 11.28 -6.21 -8.86
CA LEU A 133 11.39 -5.38 -7.65
C LEU A 133 10.02 -5.08 -7.02
N VAL A 134 9.01 -4.82 -7.83
CA VAL A 134 7.65 -4.54 -7.36
C VAL A 134 7.09 -5.79 -6.71
N ARG A 135 7.25 -6.93 -7.37
CA ARG A 135 6.74 -8.17 -6.82
C ARG A 135 7.37 -8.49 -5.48
N SER A 136 8.69 -8.34 -5.41
CA SER A 136 9.42 -8.65 -4.20
C SER A 136 9.14 -7.66 -3.08
N LEU A 137 8.95 -6.39 -3.42
CA LEU A 137 8.69 -5.40 -2.38
C LEU A 137 7.30 -5.63 -1.76
N SER A 138 6.33 -5.97 -2.60
CA SER A 138 5.02 -6.38 -2.11
C SER A 138 5.14 -7.60 -1.19
N SER A 139 5.85 -8.62 -1.64
CA SER A 139 6.05 -9.84 -0.82
CA SER A 139 6.03 -9.82 -0.82
C SER A 139 6.64 -9.50 0.54
N ALA A 140 7.64 -8.63 0.55
CA ALA A 140 8.36 -8.29 1.78
C ALA A 140 7.50 -7.47 2.73
N SER A 141 6.56 -6.71 2.16
CA SER A 141 5.80 -5.70 2.90
C SER A 141 4.43 -6.15 3.40
N GLY A 142 3.78 -7.05 2.66
CA GLY A 142 2.36 -7.36 2.86
C GLY A 142 1.99 -8.49 3.78
N THR A 143 0.93 -9.21 3.42
CA THR A 143 0.36 -10.27 4.22
C THR A 143 1.35 -11.40 4.53
N PHE A 144 2.31 -11.62 3.63
CA PHE A 144 3.36 -12.64 3.80
C PHE A 144 4.70 -12.04 4.22
N GLY A 145 4.65 -10.80 4.65
CA GLY A 145 5.85 -10.06 5.02
C GLY A 145 5.54 -9.18 6.22
N MET A 146 5.91 -7.91 6.12
CA MET A 146 5.80 -6.97 7.22
C MET A 146 4.42 -6.94 7.91
N VAL A 147 3.33 -6.81 7.15
CA VAL A 147 2.01 -6.68 7.79
C VAL A 147 1.66 -7.99 8.51
N GLY A 148 2.00 -9.12 7.90
CA GLY A 148 1.81 -10.41 8.54
C GLY A 148 2.55 -10.50 9.85
N GLY A 149 3.79 -10.01 9.87
CA GLY A 149 4.58 -9.98 11.09
C GLY A 149 3.96 -9.05 12.13
N GLN A 150 3.44 -7.91 11.68
CA GLN A 150 2.75 -6.99 12.57
C GLN A 150 1.53 -7.63 13.23
N MET A 151 0.73 -8.37 12.48
CA MET A 151 -0.41 -9.07 13.06
CA MET A 151 -0.41 -9.06 13.06
C MET A 151 0.04 -10.10 14.07
N LEU A 152 1.09 -10.85 13.73
CA LEU A 152 1.58 -11.87 14.67
C LEU A 152 2.07 -11.27 15.97
N ASP A 153 2.71 -10.10 15.86
CA ASP A 153 3.26 -9.38 17.00
CA ASP A 153 3.26 -9.42 17.02
C ASP A 153 2.12 -8.98 17.95
N MET A 154 1.06 -8.43 17.40
CA MET A 154 -0.09 -8.02 18.23
CA MET A 154 -0.14 -8.05 18.17
C MET A 154 -0.78 -9.26 18.84
N ALA A 155 -0.88 -10.35 18.10
CA ALA A 155 -1.54 -11.57 18.57
C ALA A 155 -0.78 -12.26 19.70
N ALA A 156 0.53 -12.04 19.78
CA ALA A 156 1.40 -12.72 20.75
C ALA A 156 1.50 -11.97 22.07
N GLU A 157 0.91 -10.78 22.14
CA GLU A 157 0.86 -10.01 23.38
C GLU A 157 0.23 -10.83 24.50
N GLY A 158 0.97 -10.98 25.60
CA GLY A 158 0.51 -11.75 26.75
C GLY A 158 0.62 -13.27 26.59
N LYS A 159 1.16 -13.70 25.46
CA LYS A 159 1.30 -15.11 25.13
C LYS A 159 2.74 -15.58 25.34
N LYS A 160 2.91 -16.80 25.82
CA LYS A 160 4.22 -17.38 25.89
C LYS A 160 4.36 -18.23 24.66
N LEU A 161 5.38 -17.94 23.88
CA LEU A 161 5.69 -18.76 22.72
C LEU A 161 7.19 -19.05 22.66
N ASN A 162 7.55 -19.95 21.76
CA ASN A 162 8.91 -20.45 21.69
C ASN A 162 9.78 -19.56 20.79
N LEU A 163 11.02 -20.00 20.56
CA LEU A 163 11.93 -19.31 19.67
C LEU A 163 11.38 -19.32 18.24
N LYS A 164 10.88 -20.47 17.80
CA LYS A 164 10.36 -20.59 16.44
C LYS A 164 9.32 -19.51 16.16
N ASN A 165 8.39 -19.33 17.09
CA ASN A 165 7.32 -18.34 16.92
C ASN A 165 7.83 -16.91 17.04
N LEU A 166 8.82 -16.72 17.91
CA LEU A 166 9.44 -15.40 18.04
C LEU A 166 10.17 -15.03 16.74
N GLN A 167 10.86 -16.01 16.15
CA GLN A 167 11.57 -15.79 14.89
C GLN A 167 10.60 -15.54 13.74
N LEU A 168 9.47 -16.22 13.76
CA LEU A 168 8.45 -15.99 12.74
C LEU A 168 8.00 -14.53 12.76
N ILE A 169 7.77 -13.98 13.97
CA ILE A 169 7.34 -12.60 14.08
C ILE A 169 8.47 -11.75 13.53
N HIS A 170 9.66 -11.93 14.08
CA HIS A 170 10.78 -11.04 13.77
C HIS A 170 11.20 -11.07 12.33
N ARG A 171 11.25 -12.27 11.74
CA ARG A 171 11.65 -12.42 10.34
C ARG A 171 10.70 -11.71 9.39
N HIS A 172 9.43 -11.66 9.75
CA HIS A 172 8.45 -11.03 8.90
C HIS A 172 8.23 -9.56 9.21
N LYS A 173 8.08 -9.18 10.48
CA LYS A 173 7.83 -7.79 10.77
C LYS A 173 9.02 -6.89 10.47
N THR A 174 10.23 -7.42 10.62
CA THR A 174 11.46 -6.62 10.45
C THR A 174 12.44 -7.22 9.43
N GLY A 175 12.60 -8.54 9.46
CA GLY A 175 13.62 -9.17 8.62
C GLY A 175 13.50 -8.90 7.13
N GLN A 176 12.28 -9.03 6.61
CA GLN A 176 12.04 -8.97 5.18
C GLN A 176 12.43 -7.64 4.54
N LEU A 177 12.12 -6.52 5.19
CA LEU A 177 12.43 -5.20 4.64
C LEU A 177 13.87 -4.77 4.89
N LEU A 178 14.58 -5.50 5.75
CA LEU A 178 16.02 -5.39 5.80
C LEU A 178 16.72 -6.34 4.85
N ALA A 179 16.08 -7.45 4.49
CA ALA A 179 16.65 -8.37 3.51
C ALA A 179 16.47 -7.82 2.11
N TYR A 180 15.33 -7.19 1.86
CA TYR A 180 15.01 -6.64 0.54
C TYR A 180 16.10 -5.77 -0.08
N PRO A 181 16.69 -4.82 0.67
CA PRO A 181 17.67 -3.98 -0.04
C PRO A 181 18.86 -4.76 -0.59
N PHE A 182 19.28 -5.82 0.11
CA PHE A 182 20.39 -6.65 -0.37
C PHE A 182 20.01 -7.38 -1.63
N TRP A 183 18.87 -8.07 -1.58
CA TRP A 183 18.36 -8.82 -2.71
C TRP A 183 18.13 -7.90 -3.90
N ALA A 184 17.53 -6.73 -3.65
CA ALA A 184 17.12 -5.83 -4.70
C ALA A 184 18.34 -5.23 -5.43
N ALA A 185 19.38 -4.91 -4.68
CA ALA A 185 20.59 -4.39 -5.29
C ALA A 185 21.24 -5.45 -6.18
N ALA A 186 21.29 -6.69 -5.70
CA ALA A 186 21.83 -7.80 -6.51
C ALA A 186 20.99 -8.04 -7.76
N ARG A 187 19.67 -7.80 -7.65
CA ARG A 187 18.77 -7.97 -8.78
C ARG A 187 18.98 -6.89 -9.81
N VAL A 188 19.13 -5.64 -9.35
CA VAL A 188 19.46 -4.52 -10.25
C VAL A 188 20.81 -4.77 -10.94
N ALA A 189 21.76 -5.33 -10.19
CA ALA A 189 23.07 -5.72 -10.73
C ALA A 189 22.98 -6.92 -11.69
N GLN A 190 21.83 -7.56 -11.75
CA GLN A 190 21.58 -8.68 -12.66
C GLN A 190 22.46 -9.90 -12.35
N LEU A 191 22.64 -10.18 -11.06
CA LEU A 191 23.43 -11.34 -10.65
C LEU A 191 22.67 -12.65 -10.82
N ASP A 192 23.39 -13.75 -10.94
CA ASP A 192 22.75 -15.06 -11.11
C ASP A 192 21.95 -15.45 -9.87
N GLU A 193 21.08 -16.46 -10.03
CA GLU A 193 20.15 -16.88 -9.00
C GLU A 193 20.83 -17.16 -7.67
N ASN A 194 21.95 -17.88 -7.73
CA ASN A 194 22.71 -18.26 -6.56
C ASN A 194 23.18 -17.04 -5.75
N LEU A 195 23.70 -16.03 -6.46
CA LEU A 195 24.14 -14.79 -5.83
C LEU A 195 22.95 -14.01 -5.25
N LEU A 196 21.83 -13.98 -5.95
CA LEU A 196 20.60 -13.36 -5.41
C LEU A 196 20.21 -13.98 -4.08
N ALA A 197 20.29 -15.30 -4.01
CA ALA A 197 19.97 -16.02 -2.78
C ALA A 197 20.98 -15.72 -1.67
N THR A 198 22.25 -15.61 -2.03
CA THR A 198 23.28 -15.25 -1.04
C THR A 198 23.06 -13.85 -0.49
N PHE A 199 22.73 -12.90 -1.35
CA PHE A 199 22.48 -11.55 -0.87
C PHE A 199 21.24 -11.51 0.02
N LEU A 200 20.20 -12.25 -0.36
CA LEU A 200 18.99 -12.33 0.46
C LEU A 200 19.32 -12.89 1.83
N GLU A 201 20.13 -13.95 1.87
CA GLU A 201 20.59 -14.59 3.11
C GLU A 201 21.32 -13.61 4.04
N ILE A 202 22.26 -12.84 3.48
CA ILE A 202 22.94 -11.80 4.23
C ILE A 202 21.91 -10.85 4.84
N GLY A 203 20.96 -10.43 4.02
CA GLY A 203 19.97 -9.44 4.47
C GLY A 203 19.06 -9.99 5.56
N MET A 204 18.71 -11.26 5.47
CA MET A 204 17.88 -11.89 6.50
C MET A 204 18.63 -12.01 7.82
N ILE A 205 19.93 -12.30 7.75
CA ILE A 205 20.75 -12.33 8.97
C ILE A 205 20.81 -10.95 9.62
N ILE A 206 21.11 -9.94 8.82
CA ILE A 206 21.15 -8.56 9.31
C ILE A 206 19.77 -8.14 9.83
N GLY A 207 18.70 -8.55 9.13
CA GLY A 207 17.34 -8.17 9.50
C GLY A 207 16.93 -8.75 10.85
N LEU A 208 17.15 -10.04 11.02
CA LEU A 208 16.84 -10.67 12.31
C LEU A 208 17.69 -10.06 13.43
N ALA A 209 18.98 -9.83 13.16
CA ALA A 209 19.89 -9.20 14.10
C ALA A 209 19.45 -7.80 14.51
N PHE A 210 18.95 -7.03 13.55
CA PHE A 210 18.48 -5.66 13.80
C PHE A 210 17.31 -5.63 14.81
N GLN A 211 16.42 -6.64 14.75
CA GLN A 211 15.32 -6.73 15.69
C GLN A 211 15.80 -7.19 17.07
N VAL A 212 16.79 -8.08 17.10
CA VAL A 212 17.39 -8.45 18.41
C VAL A 212 17.94 -7.19 19.06
N ARG A 213 18.74 -6.46 18.30
CA ARG A 213 19.26 -5.17 18.72
C ARG A 213 18.16 -4.23 19.21
N ASP A 214 17.08 -4.12 18.43
CA ASP A 214 15.98 -3.19 18.79
C ASP A 214 15.34 -3.61 20.12
N ASP A 215 15.12 -4.91 20.28
CA ASP A 215 14.59 -5.47 21.53
C ASP A 215 15.49 -5.12 22.72
N ILE A 216 16.80 -5.22 22.53
CA ILE A 216 17.76 -4.93 23.58
C ILE A 216 17.76 -3.45 23.93
N LEU A 217 17.73 -2.60 22.90
CA LEU A 217 17.66 -1.17 23.13
C LEU A 217 16.38 -0.72 23.84
N ASP A 218 15.25 -1.32 23.51
N ASP A 218 15.25 -1.34 23.51
CA ASP A 218 13.99 -0.92 24.12
CA ASP A 218 13.95 -1.00 24.11
C ASP A 218 13.97 -1.04 25.66
C ASP A 218 14.00 -1.02 25.65
N ILE A 219 14.80 -1.94 26.19
CA ILE A 219 14.86 -2.15 27.64
C ILE A 219 16.15 -1.68 28.31
N THR A 220 17.16 -1.30 27.52
CA THR A 220 18.44 -0.82 28.09
C THR A 220 18.72 0.67 27.88
N ALA A 221 18.07 1.29 26.89
CA ALA A 221 18.40 2.65 26.49
C ALA A 221 17.30 3.61 26.94
N ASN A 222 17.64 4.88 27.02
CA ASN A 222 16.69 5.91 27.45
C ASN A 222 16.02 6.59 26.26
N PHE A 223 15.03 7.42 26.56
CA PHE A 223 14.23 8.12 25.55
C PHE A 223 15.09 8.98 24.63
N GLU A 224 16.07 9.67 25.22
CA GLU A 224 16.96 10.55 24.48
C GLU A 224 17.74 9.79 23.41
N GLU A 225 18.09 8.55 23.73
CA GLU A 225 18.88 7.72 22.81
C GLU A 225 18.04 7.13 21.65
N ILE A 226 16.86 6.60 21.96
CA ILE A 226 16.08 5.85 20.97
C ILE A 226 14.97 6.67 20.28
N GLY A 227 14.60 7.81 20.88
CA GLY A 227 13.65 8.75 20.25
C GLY A 227 12.22 8.27 20.28
N LYS A 228 11.97 7.30 21.15
CA LYS A 228 10.66 6.71 21.37
C LYS A 228 10.62 6.29 22.83
N THR A 229 9.44 5.92 23.31
CA THR A 229 9.25 5.62 24.73
C THR A 229 9.88 4.27 25.05
N PRO A 230 10.85 4.22 25.98
CA PRO A 230 11.42 2.91 26.30
C PRO A 230 10.44 1.97 27.02
N LYS A 231 10.73 0.68 26.92
CA LYS A 231 10.06 -0.39 27.69
C LYS A 231 8.59 -0.66 27.33
N LYS A 232 8.14 -0.16 26.21
CA LYS A 232 6.79 -0.41 25.75
C LYS A 232 6.54 -1.89 25.60
N ASP A 233 7.54 -2.61 25.08
CA ASP A 233 7.51 -4.08 24.91
C ASP A 233 7.15 -4.83 26.19
N VAL A 234 7.72 -4.39 27.31
CA VAL A 234 7.54 -5.05 28.60
C VAL A 234 6.09 -4.87 29.03
N MET A 235 5.65 -3.62 29.10
CA MET A 235 4.31 -3.30 29.60
C MET A 235 3.20 -3.95 28.76
N ALA A 236 3.39 -4.02 27.44
CA ALA A 236 2.40 -4.60 26.53
C ALA A 236 2.50 -6.13 26.45
N GLU A 237 3.50 -6.70 27.12
CA GLU A 237 3.73 -8.16 27.15
C GLU A 237 4.04 -8.75 25.77
N LYS A 238 4.92 -8.08 25.05
CA LYS A 238 5.36 -8.52 23.72
C LYS A 238 6.36 -9.65 23.84
N MET A 239 6.41 -10.51 22.83
N MET A 239 6.40 -10.50 22.82
CA MET A 239 7.48 -11.52 22.75
CA MET A 239 7.48 -11.46 22.64
C MET A 239 8.74 -10.86 22.18
C MET A 239 8.73 -10.72 22.22
N THR A 240 9.82 -10.90 22.95
CA THR A 240 11.10 -10.32 22.58
C THR A 240 12.24 -11.32 22.86
N TYR A 241 13.43 -11.01 22.36
CA TYR A 241 14.59 -11.87 22.62
C TYR A 241 15.04 -11.83 24.09
N PRO A 242 15.17 -10.63 24.70
CA PRO A 242 15.60 -10.63 26.10
C PRO A 242 14.62 -11.34 27.06
N HIS A 243 13.34 -11.31 26.72
CA HIS A 243 12.32 -12.02 27.48
C HIS A 243 12.44 -13.53 27.30
N LEU A 244 12.63 -14.00 26.07
CA LEU A 244 12.72 -15.42 25.79
C LEU A 244 14.01 -16.06 26.31
N LEU A 245 15.13 -15.34 26.14
CA LEU A 245 16.47 -15.90 26.30
C LEU A 245 17.37 -15.23 27.31
N GLY A 246 16.93 -14.09 27.86
CA GLY A 246 17.78 -13.29 28.76
C GLY A 246 18.63 -12.29 27.99
N LEU A 247 19.04 -11.22 28.68
CA LEU A 247 19.88 -10.18 28.08
C LEU A 247 21.24 -10.68 27.64
N ASN A 248 21.90 -11.47 28.49
CA ASN A 248 23.23 -12.00 28.17
C ASN A 248 23.27 -12.78 26.86
N GLU A 249 22.33 -13.70 26.68
CA GLU A 249 22.30 -14.53 25.48
C GLU A 249 21.88 -13.66 24.28
N SER A 250 21.06 -12.64 24.52
CA SER A 250 20.61 -11.75 23.44
C SER A 250 21.80 -10.95 22.90
N TYR A 251 22.67 -10.45 23.78
CA TYR A 251 23.87 -9.79 23.31
C TYR A 251 24.75 -10.72 22.46
N GLN A 252 24.89 -11.95 22.94
CA GLN A 252 25.69 -12.96 22.24
C GLN A 252 25.17 -13.27 20.84
N ILE A 253 23.86 -13.44 20.73
CA ILE A 253 23.20 -13.70 19.45
C ILE A 253 23.40 -12.53 18.47
N LEU A 254 23.24 -11.29 18.96
CA LEU A 254 23.45 -10.12 18.12
C LEU A 254 24.86 -10.14 17.55
N ASP A 255 25.85 -10.29 18.43
CA ASP A 255 27.23 -10.23 18.01
C ASP A 255 27.57 -11.35 17.01
N GLU A 256 27.11 -12.57 17.27
CA GLU A 256 27.45 -13.67 16.40
CA GLU A 256 27.39 -13.71 16.41
C GLU A 256 26.69 -13.59 15.06
N SER A 257 25.49 -13.01 15.07
CA SER A 257 24.76 -12.79 13.82
C SER A 257 25.48 -11.79 12.93
N LEU A 258 25.94 -10.70 13.52
CA LEU A 258 26.64 -9.68 12.77
C LEU A 258 27.98 -10.23 12.27
N ASP A 259 28.66 -11.04 13.09
CA ASP A 259 29.84 -11.78 12.62
C ASP A 259 29.55 -12.66 11.39
N GLN A 260 28.44 -13.37 11.41
CA GLN A 260 28.09 -14.30 10.32
C GLN A 260 27.86 -13.55 9.03
N ALA A 261 27.15 -12.44 9.11
CA ALA A 261 26.85 -11.61 7.93
C ALA A 261 28.14 -11.05 7.34
N GLU A 262 29.03 -10.60 8.21
CA GLU A 262 30.32 -10.07 7.77
C GLU A 262 31.17 -11.13 7.07
N ALA A 263 31.15 -12.34 7.60
CA ALA A 263 31.88 -13.45 6.96
C ALA A 263 31.38 -13.76 5.54
N ILE A 264 30.07 -13.72 5.30
CA ILE A 264 29.56 -14.01 3.96
C ILE A 264 30.01 -12.89 3.01
N LEU A 265 29.90 -11.67 3.48
CA LEU A 265 30.26 -10.51 2.66
C LEU A 265 31.75 -10.55 2.29
N ARG A 266 32.60 -10.93 3.24
CA ARG A 266 34.04 -11.05 2.96
C ARG A 266 34.32 -12.16 1.97
N LYS A 267 33.63 -13.28 2.12
CA LYS A 267 33.78 -14.38 1.18
C LYS A 267 33.40 -13.97 -0.25
N LEU A 268 32.29 -13.24 -0.40
CA LEU A 268 31.92 -12.74 -1.74
C LEU A 268 33.01 -11.85 -2.35
N SER A 269 33.66 -11.06 -1.52
CA SER A 269 34.69 -10.14 -1.99
C SER A 269 35.94 -10.89 -2.51
N ASP A 270 36.08 -12.15 -2.14
CA ASP A 270 37.15 -13.04 -2.61
C ASP A 270 36.75 -13.84 -3.84
N GLU A 271 35.55 -13.60 -4.36
CA GLU A 271 34.96 -14.43 -5.40
C GLU A 271 34.48 -13.66 -6.63
N ILE A 272 34.00 -12.44 -6.41
CA ILE A 272 33.44 -11.61 -7.46
C ILE A 272 33.94 -10.20 -7.30
N ALA A 273 33.63 -9.34 -8.27
CA ALA A 273 34.04 -7.93 -8.21
C ALA A 273 33.12 -7.18 -7.24
N PHE A 274 33.49 -7.21 -5.97
CA PHE A 274 32.64 -6.72 -4.89
C PHE A 274 33.54 -6.14 -3.79
N ALA A 275 33.22 -4.94 -3.33
CA ALA A 275 34.02 -4.19 -2.39
C ALA A 275 33.15 -3.71 -1.22
N PRO A 276 32.99 -4.58 -0.19
CA PRO A 276 31.99 -4.33 0.85
C PRO A 276 32.49 -3.54 2.06
N GLN A 277 33.59 -2.82 1.95
CA GLN A 277 34.10 -2.16 3.16
C GLN A 277 33.11 -1.21 3.81
N LYS A 278 32.32 -0.49 3.02
CA LYS A 278 31.39 0.50 3.60
C LYS A 278 30.22 -0.22 4.24
N ILE A 279 29.80 -1.34 3.64
CA ILE A 279 28.78 -2.17 4.27
C ILE A 279 29.26 -2.72 5.61
N LEU A 280 30.47 -3.22 5.63
CA LEU A 280 31.05 -3.77 6.85
C LEU A 280 31.14 -2.71 7.94
N SER A 281 31.53 -1.49 7.57
CA SER A 281 31.58 -0.39 8.53
C SER A 281 30.20 -0.01 9.11
N LEU A 282 29.17 -0.10 8.28
CA LEU A 282 27.80 0.13 8.72
C LEU A 282 27.37 -0.93 9.72
N ILE A 283 27.65 -2.19 9.37
CA ILE A 283 27.34 -3.31 10.25
C ILE A 283 28.02 -3.16 11.60
N GLU A 284 29.28 -2.75 11.60
CA GLU A 284 30.01 -2.51 12.84
C GLU A 284 29.36 -1.44 13.71
N ARG A 285 28.73 -0.47 13.09
CA ARG A 285 28.01 0.56 13.87
C ARG A 285 26.75 0.01 14.55
N LEU A 286 26.28 -1.17 14.15
CA LEU A 286 25.11 -1.79 14.77
C LEU A 286 25.49 -2.58 16.03
N ARG A 287 26.77 -2.76 16.29
CA ARG A 287 27.19 -3.56 17.44
C ARG A 287 26.78 -2.88 18.77
N LEU A 288 26.48 -3.68 19.79
CA LEU A 288 26.25 -3.17 21.16
C LEU A 288 27.20 -3.85 22.14
N ASP A 289 27.56 -3.16 23.20
CA ASP A 289 28.06 -3.73 24.47
CA ASP A 289 28.15 -3.69 24.47
C ASP A 289 27.34 -3.51 25.88
N ALA A 290 27.37 -4.66 26.54
CA ALA A 290 26.60 -4.66 27.78
C ALA A 290 27.03 -3.50 28.67
N ASP B 3 -19.92 -15.72 -13.35
CA ASP B 3 -18.70 -16.28 -14.00
C ASP B 3 -17.48 -15.38 -13.79
N LYS B 4 -17.55 -14.15 -14.31
CA LYS B 4 -16.52 -13.14 -14.01
C LYS B 4 -16.46 -12.91 -12.50
N LEU B 5 -17.63 -12.77 -11.89
CA LEU B 5 -17.70 -12.56 -10.45
C LEU B 5 -17.02 -13.70 -9.71
N LYS B 6 -17.41 -14.91 -10.08
CA LYS B 6 -16.84 -16.10 -9.44
C LYS B 6 -15.32 -16.16 -9.60
N LYS B 7 -14.85 -15.87 -10.81
CA LYS B 7 -13.43 -15.95 -11.12
C LYS B 7 -12.61 -14.86 -10.42
N ILE B 8 -13.20 -13.66 -10.26
CA ILE B 8 -12.49 -12.58 -9.54
C ILE B 8 -12.21 -13.02 -8.11
N ASP B 9 -13.23 -13.58 -7.46
CA ASP B 9 -13.11 -14.02 -6.06
C ASP B 9 -12.16 -15.22 -5.95
N GLN B 10 -12.22 -16.14 -6.91
CA GLN B 10 -11.24 -17.23 -6.99
C GLN B 10 -9.80 -16.74 -7.08
N THR B 11 -9.58 -15.70 -7.88
CA THR B 11 -8.25 -15.14 -8.07
C THR B 11 -7.74 -14.53 -6.76
N ILE B 12 -8.61 -13.81 -6.07
CA ILE B 12 -8.21 -13.23 -4.78
C ILE B 12 -7.95 -14.32 -3.75
N HIS B 13 -8.86 -15.28 -3.66
CA HIS B 13 -8.68 -16.40 -2.71
C HIS B 13 -7.36 -17.13 -2.99
N ALA B 14 -7.05 -17.35 -4.27
CA ALA B 14 -5.83 -18.04 -4.65
C ALA B 14 -4.57 -17.31 -4.19
N PHE B 15 -4.57 -15.98 -4.33
CA PHE B 15 -3.43 -15.20 -3.91
C PHE B 15 -3.13 -15.42 -2.41
N TYR B 16 -4.19 -15.49 -1.61
CA TYR B 16 -4.07 -15.59 -0.15
C TYR B 16 -3.85 -17.01 0.35
N CYS B 17 -4.24 -18.01 -0.46
CA CYS B 17 -4.26 -19.41 0.00
C CYS B 17 -3.20 -20.30 -0.67
N GLU B 18 -2.40 -19.75 -1.57
CA GLU B 18 -1.40 -20.52 -2.31
C GLU B 18 0.05 -20.25 -1.88
N LYS B 19 0.21 -19.35 -0.92
CA LYS B 19 1.50 -19.12 -0.27
CA LYS B 19 1.51 -19.15 -0.26
C LYS B 19 1.36 -19.61 1.17
N ALA B 20 2.47 -20.00 1.79
CA ALA B 20 2.42 -20.47 3.18
C ALA B 20 1.96 -19.31 4.08
N VAL B 21 0.95 -19.55 4.90
CA VAL B 21 0.35 -18.49 5.72
C VAL B 21 1.32 -18.03 6.80
N ILE B 22 1.37 -16.72 7.03
CA ILE B 22 2.18 -16.13 8.08
C ILE B 22 1.31 -15.81 9.29
N SER B 23 0.22 -15.07 9.07
CA SER B 23 -0.75 -14.81 10.12
C SER B 23 -2.13 -15.29 9.70
N GLU B 24 -2.62 -16.37 10.31
CA GLU B 24 -3.97 -16.83 9.99
C GLU B 24 -5.02 -15.75 10.26
N LYS B 25 -4.85 -14.99 11.34
CA LYS B 25 -5.81 -13.94 11.67
C LYS B 25 -5.86 -12.84 10.60
N LEU B 26 -4.71 -12.50 10.02
CA LEU B 26 -4.67 -11.48 8.98
C LEU B 26 -5.41 -11.95 7.74
N ASN B 27 -5.06 -13.14 7.26
CA ASN B 27 -5.76 -13.71 6.12
C ASN B 27 -7.27 -13.74 6.37
N GLU B 28 -7.68 -14.15 7.56
CA GLU B 28 -9.11 -14.24 7.84
CA GLU B 28 -9.10 -14.23 7.93
C GLU B 28 -9.78 -12.86 7.80
N ALA B 29 -9.10 -11.85 8.32
CA ALA B 29 -9.64 -10.48 8.34
C ALA B 29 -9.75 -9.87 6.95
N VAL B 30 -8.75 -10.09 6.11
CA VAL B 30 -8.79 -9.62 4.74
C VAL B 30 -9.92 -10.30 3.97
N LEU B 31 -10.00 -11.63 4.09
CA LEU B 31 -11.05 -12.37 3.40
C LEU B 31 -12.46 -12.09 3.90
N TYR B 32 -12.61 -11.80 5.20
CA TYR B 32 -13.87 -11.38 5.75
C TYR B 32 -14.50 -10.21 4.97
N SER B 33 -13.70 -9.18 4.72
CA SER B 33 -14.21 -8.00 4.04
C SER B 33 -14.50 -8.29 2.56
N ILE B 34 -13.64 -9.09 1.93
CA ILE B 34 -13.84 -9.51 0.54
C ILE B 34 -15.13 -10.31 0.44
N ASN B 35 -15.28 -11.29 1.31
CA ASN B 35 -16.45 -12.17 1.26
C ASN B 35 -17.75 -11.55 1.79
N ALA B 36 -17.68 -10.36 2.38
CA ALA B 36 -18.88 -9.73 2.94
C ALA B 36 -19.86 -9.34 1.82
N GLY B 37 -19.33 -9.05 0.64
CA GLY B 37 -20.17 -8.65 -0.49
C GLY B 37 -19.44 -7.67 -1.41
N GLY B 38 -20.20 -6.83 -2.09
CA GLY B 38 -19.59 -5.84 -3.01
C GLY B 38 -20.04 -6.14 -4.43
N LYS B 39 -20.24 -5.08 -5.20
CA LYS B 39 -20.74 -5.20 -6.58
C LYS B 39 -19.66 -5.56 -7.59
N ARG B 40 -18.40 -5.42 -7.19
CA ARG B 40 -17.25 -5.67 -8.04
C ARG B 40 -17.27 -4.85 -9.33
N ILE B 41 -17.80 -3.63 -9.27
CA ILE B 41 -17.91 -2.79 -10.46
C ILE B 41 -16.54 -2.53 -11.10
N ARG B 42 -15.54 -2.25 -10.28
CA ARG B 42 -14.24 -1.84 -10.80
C ARG B 42 -13.54 -2.96 -11.56
N PRO B 43 -13.42 -4.15 -10.95
CA PRO B 43 -12.78 -5.24 -11.72
C PRO B 43 -13.60 -5.68 -12.92
N ILE B 44 -14.92 -5.67 -12.78
CA ILE B 44 -15.80 -6.09 -13.86
C ILE B 44 -15.61 -5.16 -15.05
N LEU B 45 -15.60 -3.85 -14.81
CA LEU B 45 -15.38 -2.91 -15.88
C LEU B 45 -14.06 -3.13 -16.61
N PHE B 46 -12.98 -3.40 -15.85
CA PHE B 46 -11.70 -3.70 -16.51
C PHE B 46 -11.86 -4.89 -17.46
N LEU B 47 -12.44 -5.97 -16.96
CA LEU B 47 -12.58 -7.21 -17.74
C LEU B 47 -13.50 -7.04 -18.93
N GLU B 48 -14.58 -6.27 -18.75
CA GLU B 48 -15.52 -5.98 -19.83
C GLU B 48 -14.91 -5.17 -20.94
N VAL B 49 -14.02 -4.23 -20.62
CA VAL B 49 -13.38 -3.41 -21.65
C VAL B 49 -12.38 -4.28 -22.47
N ILE B 50 -11.62 -5.13 -21.78
CA ILE B 50 -10.72 -6.08 -22.45
C ILE B 50 -11.52 -6.93 -23.44
N GLU B 51 -12.61 -7.51 -22.95
CA GLU B 51 -13.51 -8.35 -23.73
CA GLU B 51 -13.47 -8.36 -23.77
C GLU B 51 -14.11 -7.56 -24.91
N ALA B 52 -14.57 -6.35 -24.63
CA ALA B 52 -15.14 -5.47 -25.65
C ALA B 52 -14.14 -5.14 -26.76
N LEU B 53 -12.87 -5.10 -26.40
CA LEU B 53 -11.79 -4.81 -27.35
C LEU B 53 -11.30 -6.05 -28.07
N GLN B 54 -12.05 -7.14 -27.92
CA GLN B 54 -11.89 -8.38 -28.70
C GLN B 54 -10.72 -9.24 -28.22
N ILE B 55 -10.37 -9.10 -26.95
CA ILE B 55 -9.24 -9.83 -26.40
C ILE B 55 -9.75 -10.96 -25.51
N PRO B 56 -9.38 -12.20 -25.81
CA PRO B 56 -9.79 -13.29 -24.95
C PRO B 56 -9.26 -13.09 -23.53
N LEU B 57 -10.12 -13.28 -22.54
CA LEU B 57 -9.73 -13.15 -21.13
C LEU B 57 -8.82 -14.29 -20.68
N THR B 58 -7.76 -13.94 -19.94
CA THR B 58 -6.82 -14.88 -19.40
C THR B 58 -6.72 -14.67 -17.89
N GLU B 59 -6.05 -15.60 -17.21
CA GLU B 59 -5.82 -15.45 -15.77
C GLU B 59 -5.14 -14.12 -15.45
N SER B 60 -4.25 -13.64 -16.33
CA SER B 60 -3.55 -12.38 -16.11
C SER B 60 -4.53 -11.20 -16.04
N HIS B 61 -5.55 -11.20 -16.89
CA HIS B 61 -6.56 -10.14 -16.81
C HIS B 61 -7.27 -10.17 -15.46
N PHE B 62 -7.60 -11.36 -14.98
CA PHE B 62 -8.27 -11.49 -13.68
C PHE B 62 -7.38 -11.07 -12.54
N LYS B 63 -6.08 -11.32 -12.65
CA LYS B 63 -5.12 -10.81 -11.64
C LYS B 63 -5.06 -9.27 -11.59
N ALA B 64 -4.98 -8.63 -12.75
CA ALA B 64 -5.01 -7.17 -12.83
C ALA B 64 -6.32 -6.62 -12.25
N ALA B 65 -7.43 -7.26 -12.59
CA ALA B 65 -8.74 -6.87 -12.05
C ALA B 65 -8.80 -7.05 -10.53
N ALA B 66 -8.25 -8.16 -10.05
CA ALA B 66 -8.21 -8.43 -8.62
C ALA B 66 -7.39 -7.38 -7.86
N ALA B 67 -6.28 -6.98 -8.44
CA ALA B 67 -5.41 -5.97 -7.81
C ALA B 67 -6.22 -4.70 -7.57
N LEU B 68 -6.98 -4.28 -8.57
CA LEU B 68 -7.83 -3.09 -8.46
C LEU B 68 -8.86 -3.24 -7.35
N GLU B 69 -9.53 -4.40 -7.31
CA GLU B 69 -10.51 -4.65 -6.27
C GLU B 69 -9.85 -4.67 -4.88
N MET B 70 -8.64 -5.17 -4.80
CA MET B 70 -7.94 -5.21 -3.50
C MET B 70 -7.71 -3.80 -2.95
N ILE B 71 -7.26 -2.88 -3.80
CA ILE B 71 -7.08 -1.50 -3.36
C ILE B 71 -8.41 -0.87 -2.94
N HIS B 72 -9.45 -1.10 -3.75
CA HIS B 72 -10.80 -0.63 -3.41
C HIS B 72 -11.24 -1.16 -2.04
N THR B 73 -11.04 -2.44 -1.80
CA THR B 73 -11.43 -3.02 -0.51
C THR B 73 -10.67 -2.44 0.66
N GLY B 74 -9.35 -2.28 0.54
CA GLY B 74 -8.57 -1.62 1.58
C GLY B 74 -9.08 -0.23 1.88
N SER B 75 -9.44 0.49 0.83
CA SER B 75 -9.96 1.86 1.01
C SER B 75 -11.26 1.88 1.83
N LEU B 76 -12.11 0.88 1.63
CA LEU B 76 -13.36 0.77 2.38
C LEU B 76 -13.12 0.50 3.85
N ILE B 77 -12.23 -0.43 4.11
CA ILE B 77 -11.90 -0.80 5.49
C ILE B 77 -11.42 0.40 6.29
N HIS B 78 -10.53 1.20 5.71
CA HIS B 78 -10.03 2.38 6.39
C HIS B 78 -11.09 3.50 6.46
N ASP B 79 -11.88 3.67 5.41
CA ASP B 79 -12.94 4.67 5.38
C ASP B 79 -13.96 4.50 6.52
N ASP B 80 -14.24 3.25 6.86
CA ASP B 80 -15.19 2.89 7.89
C ASP B 80 -14.72 3.11 9.34
N LEU B 81 -13.42 3.31 9.53
CA LEU B 81 -12.85 3.33 10.87
C LEU B 81 -13.43 4.46 11.69
N PRO B 82 -13.41 4.31 13.02
CA PRO B 82 -13.92 5.35 13.92
C PRO B 82 -13.34 6.74 13.68
N ALA B 83 -12.05 6.85 13.37
CA ALA B 83 -11.46 8.17 13.07
C ALA B 83 -11.84 8.74 11.69
N MET B 84 -12.44 7.92 10.84
CA MET B 84 -12.86 8.34 9.52
C MET B 84 -14.38 8.46 9.52
N ASP B 85 -15.10 7.58 8.84
CA ASP B 85 -16.56 7.71 8.75
C ASP B 85 -17.30 6.98 9.88
N ASN B 86 -16.60 6.10 10.62
CA ASN B 86 -17.17 5.47 11.81
C ASN B 86 -18.50 4.73 11.59
N ASP B 87 -18.52 3.73 10.70
CA ASP B 87 -19.70 2.91 10.50
C ASP B 87 -19.48 1.57 11.16
N ASP B 88 -20.55 1.04 11.75
CA ASP B 88 -20.57 -0.31 12.25
C ASP B 88 -20.88 -1.35 11.16
N TYR B 89 -21.42 -0.90 10.01
CA TYR B 89 -21.82 -1.79 8.92
C TYR B 89 -21.24 -1.42 7.55
N ARG B 90 -20.85 -2.47 6.81
CA ARG B 90 -20.35 -2.36 5.45
C ARG B 90 -20.77 -3.66 4.74
N ARG B 91 -21.37 -3.52 3.57
CA ARG B 91 -21.78 -4.69 2.77
C ARG B 91 -22.77 -5.59 3.52
N GLY B 92 -23.59 -4.98 4.36
CA GLY B 92 -24.62 -5.70 5.10
C GLY B 92 -24.11 -6.47 6.31
N GLN B 93 -22.82 -6.35 6.63
CA GLN B 93 -22.21 -7.08 7.74
CA GLN B 93 -22.22 -7.07 7.75
C GLN B 93 -21.46 -6.11 8.65
N LEU B 94 -21.03 -6.57 9.82
CA LEU B 94 -20.20 -5.73 10.67
C LEU B 94 -18.97 -5.29 9.89
N THR B 95 -18.61 -4.03 10.05
CA THR B 95 -17.34 -3.57 9.53
C THR B 95 -16.17 -4.35 10.14
N ASN B 96 -15.05 -4.35 9.45
CA ASN B 96 -13.90 -5.11 9.85
C ASN B 96 -13.51 -4.83 11.31
N HIS B 97 -13.45 -3.55 11.67
CA HIS B 97 -13.03 -3.16 13.03
C HIS B 97 -14.01 -3.59 14.12
N LYS B 98 -15.30 -3.71 13.79
CA LYS B 98 -16.31 -4.21 14.75
C LYS B 98 -16.36 -5.72 14.79
N LYS B 99 -16.09 -6.36 13.66
CA LYS B 99 -15.99 -7.81 13.59
C LYS B 99 -14.78 -8.29 14.39
N PHE B 100 -13.68 -7.58 14.24
CA PHE B 100 -12.41 -7.98 14.84
C PHE B 100 -12.04 -6.92 15.85
N ASP B 101 -11.10 -6.05 15.51
CA ASP B 101 -10.79 -4.88 16.32
C ASP B 101 -10.13 -3.86 15.40
N GLU B 102 -9.87 -2.67 15.91
CA GLU B 102 -9.33 -1.60 15.05
C GLU B 102 -7.94 -1.91 14.50
N ALA B 103 -7.10 -2.53 15.32
CA ALA B 103 -5.74 -2.89 14.88
C ALA B 103 -5.84 -3.82 13.69
N THR B 104 -6.70 -4.83 13.82
CA THR B 104 -6.86 -5.79 12.75
C THR B 104 -7.32 -5.11 11.47
N ALA B 105 -8.27 -4.19 11.59
CA ALA B 105 -8.82 -3.50 10.41
C ALA B 105 -7.77 -2.60 9.76
N ILE B 106 -6.99 -1.91 10.58
CA ILE B 106 -5.93 -1.06 10.05
C ILE B 106 -4.97 -1.93 9.25
N LEU B 107 -4.51 -3.04 9.83
CA LEU B 107 -3.58 -3.91 9.13
C LEU B 107 -4.19 -4.64 7.94
N ALA B 108 -5.46 -5.03 8.01
CA ALA B 108 -6.08 -5.67 6.86
C ALA B 108 -6.11 -4.73 5.66
N GLY B 109 -6.48 -3.47 5.90
CA GLY B 109 -6.40 -2.46 4.86
C GLY B 109 -5.01 -2.31 4.26
N ASP B 110 -4.01 -2.18 5.15
CA ASP B 110 -2.59 -2.07 4.74
C ASP B 110 -2.17 -3.27 3.86
N SER B 111 -2.56 -4.46 4.27
CA SER B 111 -2.24 -5.66 3.52
C SER B 111 -2.77 -5.56 2.11
N LEU B 112 -4.03 -5.19 2.00
CA LEU B 112 -4.68 -5.09 0.70
C LEU B 112 -3.97 -4.11 -0.22
N PHE B 113 -3.57 -2.96 0.32
CA PHE B 113 -2.84 -1.97 -0.47
C PHE B 113 -1.52 -2.54 -0.98
N LEU B 114 -0.76 -3.16 -0.08
CA LEU B 114 0.56 -3.62 -0.40
C LEU B 114 0.54 -4.88 -1.27
N ASP B 115 -0.36 -5.80 -0.94
CA ASP B 115 -0.58 -7.04 -1.70
C ASP B 115 -1.04 -6.76 -3.13
N ALA B 116 -1.79 -5.67 -3.33
CA ALA B 116 -2.36 -5.40 -4.65
C ALA B 116 -1.29 -5.31 -5.74
N PHE B 117 -0.17 -4.68 -5.39
CA PHE B 117 0.91 -4.50 -6.34
C PHE B 117 1.66 -5.78 -6.64
N GLY B 118 1.69 -6.72 -5.68
CA GLY B 118 2.24 -8.04 -5.91
C GLY B 118 1.35 -8.82 -6.87
N MET B 119 0.04 -8.79 -6.62
CA MET B 119 -0.96 -9.36 -7.51
C MET B 119 -0.76 -8.85 -8.93
N LEU B 120 -0.65 -7.52 -9.07
CA LEU B 120 -0.51 -6.90 -10.40
C LEU B 120 0.80 -7.36 -11.07
N ALA B 121 1.87 -7.49 -10.28
CA ALA B 121 3.17 -7.87 -10.83
C ALA B 121 3.27 -9.35 -11.20
N GLU B 122 2.27 -10.16 -10.87
CA GLU B 122 2.22 -11.60 -11.20
C GLU B 122 1.59 -11.89 -12.56
N THR B 123 1.17 -10.88 -13.29
CA THR B 123 0.59 -11.11 -14.63
C THR B 123 1.65 -11.56 -15.63
N ASP B 124 1.18 -12.07 -16.77
CA ASP B 124 2.06 -12.38 -17.91
C ASP B 124 2.07 -11.26 -18.97
N PHE B 125 1.63 -10.06 -18.60
CA PHE B 125 1.66 -8.97 -19.56
C PHE B 125 3.11 -8.64 -19.89
N PRO B 126 3.34 -8.04 -21.06
CA PRO B 126 4.67 -7.49 -21.33
C PRO B 126 5.11 -6.60 -20.15
N THR B 127 6.39 -6.62 -19.78
CA THR B 127 6.81 -5.91 -18.56
C THR B 127 6.67 -4.38 -18.69
N ASP B 128 6.76 -3.81 -19.89
CA ASP B 128 6.52 -2.37 -20.04
C ASP B 128 5.07 -1.98 -19.74
N VAL B 129 4.14 -2.85 -20.10
CA VAL B 129 2.72 -2.69 -19.79
C VAL B 129 2.55 -2.68 -18.27
N THR B 130 3.11 -3.70 -17.64
CA THR B 130 2.99 -3.87 -16.22
C THR B 130 3.53 -2.66 -15.45
N VAL B 131 4.70 -2.15 -15.85
CA VAL B 131 5.26 -0.98 -15.19
C VAL B 131 4.32 0.22 -15.31
N ASP B 132 3.74 0.43 -16.50
CA ASP B 132 2.78 1.52 -16.68
CA ASP B 132 2.77 1.52 -16.70
C ASP B 132 1.54 1.33 -15.81
N LEU B 133 1.02 0.11 -15.73
CA LEU B 133 -0.13 -0.19 -14.87
C LEU B 133 0.17 0.08 -13.41
N VAL B 134 1.36 -0.33 -12.96
CA VAL B 134 1.77 -0.05 -11.56
C VAL B 134 1.86 1.45 -11.31
N ARG B 135 2.53 2.17 -12.19
CA ARG B 135 2.67 3.61 -12.04
C ARG B 135 1.30 4.26 -11.95
N SER B 136 0.40 3.88 -12.85
CA SER B 136 -0.91 4.50 -12.90
C SER B 136 -1.81 4.09 -11.72
N LEU B 137 -1.68 2.85 -11.26
CA LEU B 137 -2.49 2.41 -10.12
C LEU B 137 -2.05 3.16 -8.84
N SER B 138 -0.75 3.33 -8.65
CA SER B 138 -0.22 4.15 -7.58
C SER B 138 -0.77 5.58 -7.67
N SER B 139 -0.69 6.15 -8.87
CA SER B 139 -1.21 7.50 -9.09
CA SER B 139 -1.20 7.50 -9.11
C SER B 139 -2.68 7.62 -8.74
N ALA B 140 -3.48 6.64 -9.16
CA ALA B 140 -4.91 6.65 -8.89
C ALA B 140 -5.26 6.50 -7.41
N SER B 141 -4.38 5.81 -6.65
CA SER B 141 -4.69 5.34 -5.31
C SER B 141 -4.13 6.25 -4.21
N GLY B 142 -2.98 6.87 -4.47
CA GLY B 142 -2.21 7.48 -3.40
C GLY B 142 -2.48 8.95 -3.14
N THR B 143 -1.41 9.68 -2.84
CA THR B 143 -1.49 11.07 -2.39
C THR B 143 -2.14 12.01 -3.43
N PHE B 144 -2.00 11.66 -4.69
CA PHE B 144 -2.58 12.44 -5.79
C PHE B 144 -3.81 11.76 -6.38
N GLY B 145 -4.36 10.78 -5.65
CA GLY B 145 -5.56 10.08 -6.05
C GLY B 145 -6.46 9.83 -4.85
N MET B 146 -6.79 8.56 -4.60
CA MET B 146 -7.82 8.20 -3.62
C MET B 146 -7.48 8.75 -2.23
N VAL B 147 -6.25 8.58 -1.75
CA VAL B 147 -5.92 9.00 -0.37
C VAL B 147 -5.97 10.53 -0.28
N GLY B 148 -5.46 11.22 -1.29
CA GLY B 148 -5.62 12.68 -1.35
C GLY B 148 -7.07 13.10 -1.26
N GLY B 149 -7.93 12.43 -2.02
CA GLY B 149 -9.37 12.66 -1.98
C GLY B 149 -9.96 12.42 -0.61
N GLN B 150 -9.51 11.34 0.04
CA GLN B 150 -9.97 11.04 1.39
C GLN B 150 -9.61 12.12 2.39
N MET B 151 -8.40 12.64 2.32
CA MET B 151 -8.03 13.76 3.19
C MET B 151 -8.90 15.00 2.94
N LEU B 152 -9.14 15.33 1.68
CA LEU B 152 -10.00 16.48 1.35
C LEU B 152 -11.42 16.29 1.86
N ASP B 153 -11.93 15.05 1.76
CA ASP B 153 -13.28 14.70 2.23
C ASP B 153 -13.39 14.93 3.75
N MET B 154 -12.39 14.47 4.48
CA MET B 154 -12.36 14.67 5.92
C MET B 154 -12.22 16.16 6.27
N ALA B 155 -11.35 16.86 5.56
CA ALA B 155 -11.13 18.29 5.81
C ALA B 155 -12.36 19.17 5.48
N ALA B 156 -13.24 18.73 4.57
CA ALA B 156 -14.39 19.52 4.13
C ALA B 156 -15.59 19.40 5.09
N GLU B 157 -15.51 18.51 6.07
CA GLU B 157 -16.62 18.31 7.02
C GLU B 157 -16.95 19.65 7.69
N GLY B 158 -18.23 20.03 7.60
CA GLY B 158 -18.70 21.29 8.18
C GLY B 158 -18.35 22.57 7.44
N LYS B 159 -17.69 22.47 6.29
CA LYS B 159 -17.27 23.65 5.52
C LYS B 159 -18.20 23.91 4.34
N LYS B 160 -18.39 25.20 4.02
CA LYS B 160 -19.20 25.59 2.87
C LYS B 160 -18.35 25.75 1.62
N LEU B 161 -18.09 24.65 0.91
CA LEU B 161 -17.25 24.69 -0.27
C LEU B 161 -18.08 24.82 -1.51
N ASN B 162 -17.41 25.20 -2.59
CA ASN B 162 -18.09 25.39 -3.86
C ASN B 162 -17.97 24.13 -4.73
N LEU B 163 -18.61 24.18 -5.89
CA LEU B 163 -18.70 23.03 -6.77
C LEU B 163 -17.34 22.54 -7.26
N LYS B 164 -16.47 23.47 -7.59
CA LYS B 164 -15.11 23.15 -7.99
C LYS B 164 -14.44 22.30 -6.92
N ASN B 165 -14.59 22.70 -5.67
CA ASN B 165 -13.93 21.99 -4.59
C ASN B 165 -14.61 20.65 -4.31
N LEU B 166 -15.93 20.59 -4.48
CA LEU B 166 -16.64 19.31 -4.39
C LEU B 166 -16.20 18.35 -5.49
N GLN B 167 -16.10 18.85 -6.71
CA GLN B 167 -15.59 18.03 -7.81
C GLN B 167 -14.17 17.51 -7.56
N LEU B 168 -13.32 18.35 -6.97
CA LEU B 168 -11.96 17.94 -6.63
C LEU B 168 -11.95 16.78 -5.64
N ILE B 169 -12.75 16.87 -4.57
CA ILE B 169 -12.87 15.75 -3.65
C ILE B 169 -13.30 14.47 -4.41
N HIS B 170 -14.42 14.56 -5.14
CA HIS B 170 -15.07 13.38 -5.70
C HIS B 170 -14.25 12.74 -6.82
N ARG B 171 -13.64 13.56 -7.66
CA ARG B 171 -12.82 13.02 -8.75
C ARG B 171 -11.61 12.26 -8.23
N HIS B 172 -11.14 12.62 -7.04
CA HIS B 172 -9.97 11.95 -6.48
C HIS B 172 -10.30 10.80 -5.57
N LYS B 173 -11.24 10.97 -4.64
CA LYS B 173 -11.53 9.89 -3.71
C LYS B 173 -12.23 8.70 -4.40
N THR B 174 -12.96 8.97 -5.48
CA THR B 174 -13.73 7.94 -6.18
C THR B 174 -13.46 7.85 -7.66
N GLY B 175 -13.34 9.01 -8.30
CA GLY B 175 -13.18 9.09 -9.73
C GLY B 175 -11.98 8.32 -10.28
N GLN B 176 -10.81 8.49 -9.64
CA GLN B 176 -9.56 7.92 -10.17
C GLN B 176 -9.62 6.39 -10.29
N LEU B 177 -10.14 5.71 -9.26
CA LEU B 177 -10.16 4.24 -9.27
C LEU B 177 -11.30 3.65 -10.10
N LEU B 178 -12.24 4.49 -10.53
CA LEU B 178 -13.19 4.04 -11.55
C LEU B 178 -12.72 4.36 -12.97
N ALA B 179 -11.85 5.35 -13.11
CA ALA B 179 -11.28 5.71 -14.41
C ALA B 179 -10.19 4.73 -14.78
N TYR B 180 -9.44 4.29 -13.76
CA TYR B 180 -8.35 3.36 -13.99
C TYR B 180 -8.72 2.09 -14.76
N PRO B 181 -9.84 1.41 -14.42
CA PRO B 181 -10.09 0.20 -15.17
C PRO B 181 -10.29 0.39 -16.68
N PHE B 182 -10.91 1.51 -17.08
CA PHE B 182 -11.06 1.83 -18.51
C PHE B 182 -9.69 2.08 -19.15
N TRP B 183 -8.89 2.94 -18.51
CA TRP B 183 -7.59 3.31 -19.05
C TRP B 183 -6.68 2.08 -19.11
N ALA B 184 -6.70 1.30 -18.04
CA ALA B 184 -5.83 0.14 -17.89
C ALA B 184 -6.12 -0.91 -18.94
N ALA B 185 -7.40 -1.14 -19.21
CA ALA B 185 -7.79 -2.09 -20.22
C ALA B 185 -7.29 -1.63 -21.58
N ALA B 186 -7.47 -0.35 -21.86
CA ALA B 186 -7.01 0.22 -23.12
C ALA B 186 -5.49 0.11 -23.23
N ARG B 187 -4.79 0.28 -22.11
CA ARG B 187 -3.33 0.19 -22.10
C ARG B 187 -2.85 -1.22 -22.38
N VAL B 188 -3.51 -2.22 -21.77
CA VAL B 188 -3.24 -3.64 -21.99
C VAL B 188 -3.51 -4.00 -23.46
N ALA B 189 -4.53 -3.39 -24.03
CA ALA B 189 -4.86 -3.57 -25.45
C ALA B 189 -3.86 -2.84 -26.37
N GLN B 190 -2.94 -2.10 -25.78
CA GLN B 190 -1.89 -1.36 -26.48
C GLN B 190 -2.46 -0.34 -27.47
N LEU B 191 -3.51 0.38 -27.06
CA LEU B 191 -4.14 1.34 -27.94
C LEU B 191 -3.30 2.63 -28.02
N ASP B 192 -3.47 3.38 -29.10
CA ASP B 192 -2.75 4.64 -29.27
C ASP B 192 -3.20 5.72 -28.27
N GLU B 193 -2.46 6.81 -28.21
CA GLU B 193 -2.66 7.83 -27.19
C GLU B 193 -4.04 8.45 -27.23
N ASN B 194 -4.55 8.74 -28.43
CA ASN B 194 -5.88 9.32 -28.57
CA ASN B 194 -5.88 9.30 -28.61
C ASN B 194 -6.94 8.40 -27.96
N LEU B 195 -6.85 7.11 -28.22
CA LEU B 195 -7.79 6.15 -27.66
C LEU B 195 -7.64 5.98 -26.14
N LEU B 196 -6.41 6.00 -25.65
CA LEU B 196 -6.18 5.91 -24.19
C LEU B 196 -6.86 7.09 -23.48
N ALA B 197 -6.79 8.27 -24.11
CA ALA B 197 -7.42 9.47 -23.55
C ALA B 197 -8.94 9.38 -23.55
N THR B 198 -9.51 8.78 -24.58
CA THR B 198 -10.95 8.64 -24.68
C THR B 198 -11.45 7.67 -23.62
N PHE B 199 -10.71 6.58 -23.41
CA PHE B 199 -11.07 5.62 -22.37
C PHE B 199 -10.94 6.22 -20.98
N LEU B 200 -9.88 6.99 -20.74
CA LEU B 200 -9.75 7.72 -19.46
C LEU B 200 -10.91 8.69 -19.25
N GLU B 201 -11.33 9.40 -20.31
CA GLU B 201 -12.45 10.35 -20.22
C GLU B 201 -13.75 9.66 -19.83
N ILE B 202 -14.06 8.56 -20.49
CA ILE B 202 -15.24 7.75 -20.17
C ILE B 202 -15.15 7.34 -18.69
N GLY B 203 -14.00 6.83 -18.27
CA GLY B 203 -13.81 6.42 -16.88
C GLY B 203 -13.97 7.56 -15.88
N MET B 204 -13.48 8.74 -16.21
CA MET B 204 -13.62 9.90 -15.31
CA MET B 204 -13.61 9.89 -15.29
C MET B 204 -15.08 10.34 -15.18
N ILE B 205 -15.83 10.26 -16.28
CA ILE B 205 -17.27 10.58 -16.26
C ILE B 205 -18.02 9.57 -15.39
N ILE B 206 -17.75 8.29 -15.59
CA ILE B 206 -18.36 7.24 -14.78
C ILE B 206 -17.95 7.39 -13.31
N GLY B 207 -16.69 7.71 -13.05
CA GLY B 207 -16.19 7.81 -11.67
C GLY B 207 -16.84 8.93 -10.88
N LEU B 208 -16.97 10.11 -11.48
CA LEU B 208 -17.65 11.20 -10.80
C LEU B 208 -19.12 10.90 -10.60
N ALA B 209 -19.76 10.34 -11.63
CA ALA B 209 -21.17 9.99 -11.57
C ALA B 209 -21.43 8.97 -10.46
N PHE B 210 -20.53 8.01 -10.32
CA PHE B 210 -20.67 7.01 -9.27
C PHE B 210 -20.71 7.64 -7.88
N GLN B 211 -19.93 8.69 -7.66
CA GLN B 211 -19.95 9.33 -6.33
C GLN B 211 -21.20 10.20 -6.14
N VAL B 212 -21.66 10.83 -7.21
CA VAL B 212 -22.96 11.55 -7.15
C VAL B 212 -24.05 10.55 -6.73
N ARG B 213 -24.02 9.38 -7.35
CA ARG B 213 -24.94 8.27 -7.07
C ARG B 213 -24.82 7.84 -5.62
N ASP B 214 -23.60 7.63 -5.15
CA ASP B 214 -23.35 7.23 -3.75
C ASP B 214 -23.90 8.28 -2.77
N ASP B 215 -23.71 9.57 -3.09
CA ASP B 215 -24.24 10.67 -2.26
C ASP B 215 -25.77 10.66 -2.20
N ILE B 216 -26.42 10.41 -3.33
CA ILE B 216 -27.88 10.37 -3.40
C ILE B 216 -28.39 9.18 -2.58
N LEU B 217 -27.77 8.04 -2.75
CA LEU B 217 -28.17 6.86 -1.99
C LEU B 217 -27.98 7.06 -0.48
N ASP B 218 -26.96 7.82 -0.07
CA ASP B 218 -26.74 8.02 1.36
C ASP B 218 -27.99 8.59 2.04
N ILE B 219 -28.74 9.42 1.33
CA ILE B 219 -29.85 10.14 1.94
C ILE B 219 -31.23 9.70 1.47
N THR B 220 -31.28 8.80 0.50
CA THR B 220 -32.55 8.30 -0.03
C THR B 220 -32.82 6.83 0.23
N ALA B 221 -31.77 6.03 0.42
CA ALA B 221 -31.93 4.59 0.52
C ALA B 221 -32.03 4.11 1.96
N ASN B 222 -32.61 2.93 2.14
CA ASN B 222 -32.64 2.32 3.45
C ASN B 222 -31.42 1.45 3.69
N PHE B 223 -31.28 1.02 4.95
CA PHE B 223 -30.12 0.24 5.36
C PHE B 223 -29.94 -1.02 4.53
N GLU B 224 -31.01 -1.75 4.27
CA GLU B 224 -30.95 -3.00 3.52
C GLU B 224 -30.44 -2.77 2.10
N GLU B 225 -30.85 -1.65 1.52
CA GLU B 225 -30.53 -1.33 0.13
C GLU B 225 -29.05 -1.01 -0.05
N ILE B 226 -28.45 -0.29 0.90
CA ILE B 226 -27.05 0.14 0.77
C ILE B 226 -26.04 -0.65 1.61
N GLY B 227 -26.51 -1.43 2.58
CA GLY B 227 -25.62 -2.28 3.38
C GLY B 227 -24.70 -1.56 4.35
N LYS B 228 -24.97 -0.29 4.57
CA LYS B 228 -24.23 0.57 5.48
C LYS B 228 -25.25 1.49 6.14
N THR B 229 -24.87 2.11 7.25
CA THR B 229 -25.79 2.95 8.00
C THR B 229 -26.20 4.18 7.16
N PRO B 230 -27.50 4.41 7.00
CA PRO B 230 -27.88 5.55 6.16
C PRO B 230 -27.61 6.92 6.80
N LYS B 231 -27.47 7.90 5.93
CA LYS B 231 -27.40 9.32 6.30
C LYS B 231 -26.21 9.80 7.14
N LYS B 232 -25.10 9.06 7.17
CA LYS B 232 -23.92 9.51 7.89
C LYS B 232 -23.38 10.80 7.33
N ASP B 233 -23.57 11.01 6.03
CA ASP B 233 -23.12 12.24 5.39
C ASP B 233 -23.77 13.47 6.01
N VAL B 234 -25.03 13.33 6.42
CA VAL B 234 -25.78 14.46 6.99
C VAL B 234 -25.22 14.81 8.36
N MET B 235 -25.12 13.81 9.23
CA MET B 235 -24.65 14.03 10.59
C MET B 235 -23.21 14.55 10.60
N ALA B 236 -22.38 14.04 9.68
CA ALA B 236 -20.97 14.43 9.60
C ALA B 236 -20.76 15.75 8.85
N GLU B 237 -21.80 16.30 8.23
CA GLU B 237 -21.70 17.55 7.47
C GLU B 237 -20.70 17.43 6.29
N LYS B 238 -20.74 16.30 5.60
CA LYS B 238 -19.89 16.06 4.44
C LYS B 238 -20.29 17.00 3.31
N MET B 239 -19.30 17.45 2.53
CA MET B 239 -19.56 18.08 1.25
C MET B 239 -20.03 17.01 0.27
N THR B 240 -21.25 17.15 -0.23
CA THR B 240 -21.86 16.20 -1.15
C THR B 240 -22.66 16.91 -2.20
N TYR B 241 -23.01 16.19 -3.26
CA TYR B 241 -23.86 16.73 -4.31
C TYR B 241 -25.24 17.18 -3.80
N PRO B 242 -25.94 16.33 -3.05
CA PRO B 242 -27.24 16.78 -2.54
C PRO B 242 -27.12 17.97 -1.59
N HIS B 243 -26.07 17.99 -0.78
CA HIS B 243 -25.93 19.08 0.20
C HIS B 243 -25.61 20.40 -0.51
N LEU B 244 -24.83 20.35 -1.58
CA LEU B 244 -24.51 21.58 -2.34
C LEU B 244 -25.63 21.95 -3.34
N LEU B 245 -26.07 20.99 -4.15
CA LEU B 245 -26.91 21.28 -5.30
C LEU B 245 -28.37 20.88 -5.14
N GLY B 246 -28.66 20.03 -4.15
CA GLY B 246 -29.98 19.46 -3.97
C GLY B 246 -30.17 18.17 -4.75
N LEU B 247 -31.16 17.40 -4.35
CA LEU B 247 -31.45 16.11 -4.99
C LEU B 247 -31.89 16.23 -6.44
N ASN B 248 -32.76 17.20 -6.75
CA ASN B 248 -33.26 17.31 -8.12
C ASN B 248 -32.11 17.48 -9.10
N GLU B 249 -31.21 18.42 -8.81
CA GLU B 249 -30.07 18.64 -9.69
C GLU B 249 -29.11 17.41 -9.68
N SER B 250 -28.95 16.76 -8.52
CA SER B 250 -28.04 15.62 -8.39
C SER B 250 -28.51 14.47 -9.27
N TYR B 251 -29.81 14.17 -9.21
CA TYR B 251 -30.39 13.17 -10.09
C TYR B 251 -30.18 13.52 -11.58
N GLN B 252 -30.38 14.78 -11.93
CA GLN B 252 -30.18 15.22 -13.34
C GLN B 252 -28.73 15.01 -13.79
N ILE B 253 -27.78 15.37 -12.93
CA ILE B 253 -26.36 15.23 -13.21
C ILE B 253 -25.99 13.76 -13.39
N LEU B 254 -26.50 12.91 -12.50
CA LEU B 254 -26.21 11.47 -12.59
C LEU B 254 -26.70 10.91 -13.92
N ASP B 255 -27.95 11.20 -14.26
CA ASP B 255 -28.52 10.65 -15.47
C ASP B 255 -27.82 11.18 -16.72
N GLU B 256 -27.50 12.48 -16.74
CA GLU B 256 -26.81 13.08 -17.87
C GLU B 256 -25.41 12.49 -18.04
N SER B 257 -24.70 12.33 -16.91
CA SER B 257 -23.37 11.76 -16.93
C SER B 257 -23.36 10.34 -17.46
N LEU B 258 -24.29 9.52 -16.99
CA LEU B 258 -24.38 8.15 -17.47
C LEU B 258 -24.72 8.15 -18.95
N ASP B 259 -25.62 9.02 -19.40
CA ASP B 259 -25.91 9.15 -20.84
C ASP B 259 -24.67 9.48 -21.66
N GLN B 260 -23.85 10.41 -21.16
CA GLN B 260 -22.66 10.85 -21.88
C GLN B 260 -21.64 9.74 -22.02
N ALA B 261 -21.41 8.99 -20.93
CA ALA B 261 -20.48 7.88 -20.99
C ALA B 261 -20.93 6.87 -22.05
N GLU B 262 -22.23 6.57 -22.06
CA GLU B 262 -22.78 5.59 -23.00
C GLU B 262 -22.61 6.07 -24.45
N ALA B 263 -22.83 7.35 -24.69
CA ALA B 263 -22.69 7.92 -26.03
C ALA B 263 -21.23 7.86 -26.52
N ILE B 264 -20.27 8.15 -25.65
CA ILE B 264 -18.86 8.05 -26.04
C ILE B 264 -18.48 6.59 -26.33
N LEU B 265 -19.02 5.64 -25.55
CA LEU B 265 -18.80 4.22 -25.77
C LEU B 265 -19.36 3.76 -27.12
N ARG B 266 -20.55 4.21 -27.45
CA ARG B 266 -21.16 3.88 -28.74
C ARG B 266 -20.38 4.50 -29.89
N LYS B 267 -19.87 5.71 -29.68
CA LYS B 267 -19.06 6.37 -30.69
C LYS B 267 -17.79 5.59 -31.01
N LEU B 268 -17.12 5.10 -29.97
CA LEU B 268 -15.91 4.30 -30.15
C LEU B 268 -16.17 3.10 -31.04
N SER B 269 -17.33 2.48 -30.90
CA SER B 269 -17.67 1.27 -31.63
C SER B 269 -17.94 1.54 -33.10
N ASP B 270 -18.05 2.81 -33.48
CA ASP B 270 -18.08 3.20 -34.89
C ASP B 270 -16.67 3.31 -35.46
N GLU B 271 -15.68 3.53 -34.59
CA GLU B 271 -14.32 3.89 -35.00
C GLU B 271 -13.24 2.82 -34.81
N ILE B 272 -13.45 1.89 -33.90
CA ILE B 272 -12.54 0.75 -33.69
C ILE B 272 -13.37 -0.51 -33.52
N ALA B 273 -12.71 -1.66 -33.54
CA ALA B 273 -13.38 -2.92 -33.27
C ALA B 273 -13.68 -2.97 -31.77
N PHE B 274 -14.92 -2.66 -31.41
CA PHE B 274 -15.28 -2.48 -30.00
C PHE B 274 -16.75 -2.79 -29.81
N ALA B 275 -17.04 -3.71 -28.90
CA ALA B 275 -18.38 -4.21 -28.69
C ALA B 275 -18.81 -3.94 -27.22
N PRO B 276 -19.37 -2.75 -26.97
CA PRO B 276 -19.60 -2.31 -25.59
C PRO B 276 -20.91 -2.72 -24.93
N GLN B 277 -21.66 -3.67 -25.50
CA GLN B 277 -23.02 -3.92 -24.99
CA GLN B 277 -23.00 -4.00 -25.01
C GLN B 277 -23.04 -4.30 -23.51
N LYS B 278 -22.10 -5.12 -23.04
CA LYS B 278 -22.06 -5.48 -21.63
C LYS B 278 -21.76 -4.28 -20.72
N ILE B 279 -20.88 -3.40 -21.17
CA ILE B 279 -20.55 -2.19 -20.41
C ILE B 279 -21.79 -1.30 -20.34
N LEU B 280 -22.48 -1.17 -21.46
CA LEU B 280 -23.72 -0.40 -21.50
C LEU B 280 -24.76 -0.98 -20.56
N SER B 281 -24.88 -2.30 -20.52
CA SER B 281 -25.82 -2.97 -19.63
CA SER B 281 -25.84 -2.94 -19.64
C SER B 281 -25.50 -2.68 -18.17
N LEU B 282 -24.22 -2.70 -17.83
CA LEU B 282 -23.78 -2.40 -16.47
C LEU B 282 -24.12 -0.94 -16.12
N ILE B 283 -23.85 -0.05 -17.04
CA ILE B 283 -24.14 1.37 -16.78
C ILE B 283 -25.62 1.60 -16.55
N GLU B 284 -26.47 0.93 -17.34
CA GLU B 284 -27.92 1.01 -17.14
C GLU B 284 -28.35 0.62 -15.73
N ARG B 285 -27.66 -0.37 -15.16
CA ARG B 285 -27.97 -0.85 -13.82
C ARG B 285 -27.59 0.13 -12.72
N LEU B 286 -26.76 1.13 -13.04
CA LEU B 286 -26.40 2.21 -12.11
C LEU B 286 -27.44 3.34 -12.02
N ARG B 287 -28.37 3.42 -12.97
CA ARG B 287 -29.35 4.50 -12.97
C ARG B 287 -30.23 4.44 -11.71
N LEU B 288 -30.64 5.63 -11.26
CA LEU B 288 -31.58 5.75 -10.15
C LEU B 288 -32.85 6.43 -10.61
N ASP B 289 -33.95 6.13 -9.94
CA ASP B 289 -35.21 6.85 -10.12
C ASP B 289 -35.54 7.58 -8.84
N ALA B 290 -35.94 8.84 -8.97
CA ALA B 290 -36.33 9.66 -7.82
C ALA B 290 -37.58 9.09 -7.14
C1 IPE C . 9.05 -2.85 14.41
O1 IPE C . 8.05 -2.91 15.43
C2 IPE C . 8.53 -3.39 13.09
C3 IPE C . 7.62 -2.45 12.32
C4 IPE C . 7.05 -2.88 11.20
C5 IPE C . 7.35 -1.05 12.78
PA IPE C . 8.31 -2.37 16.90
O1A IPE C . 6.94 -1.91 17.37
O2A IPE C . 9.06 -3.43 17.67
O3A IPE C . 9.35 -1.18 16.59
PB IPE C . 9.50 0.19 17.43
O1B IPE C . 10.13 -0.18 18.74
O2B IPE C . 8.09 0.72 17.62
O3B IPE C . 10.40 1.02 16.58
C1 IPE D . 12.29 0.92 13.66
O1 IPE D . 13.25 0.90 12.61
C2 IPE D . 11.32 -0.23 13.44
C3 IPE D . 12.04 -1.57 13.39
C4 IPE D . 11.94 -2.33 12.33
C5 IPE D . 12.85 -2.03 14.57
PA IPE D . 14.54 1.83 12.67
O1A IPE D . 15.18 1.60 14.02
O2A IPE D . 15.31 1.54 11.42
O3A IPE D . 13.83 3.28 12.67
PB IPE D . 14.30 4.66 12.00
O1B IPE D . 13.57 5.72 12.81
O2B IPE D . 13.78 4.57 10.59
O3B IPE D . 15.79 4.76 12.09
MG MG E . 5.04 -2.70 17.07
MG MG F . 6.24 -0.06 18.00
MG MG G . 11.16 -1.83 19.43
C1 IPE H . -16.34 7.03 -1.17
O1 IPE H . -16.65 7.74 0.05
C2 IPE H . -14.83 7.07 -1.41
C3 IPE H . -14.02 6.05 -0.67
C4 IPE H . -12.70 5.93 -0.94
C5 IPE H . -14.65 5.15 0.35
PA IPE H . -17.85 7.35 1.08
O1A IPE H . -17.31 7.40 2.51
O2A IPE H . -19.12 8.15 0.74
O3A IPE H . -18.16 5.85 0.72
PB IPE H . -19.27 4.96 1.53
O1B IPE H . -19.35 3.66 0.79
O2B IPE H . -20.53 5.75 1.47
O3B IPE H . -18.71 4.80 2.90
C1 IPE I . -18.29 2.28 -2.14
O1 IPE I . -18.05 1.67 -3.42
C2 IPE I . -17.27 3.37 -1.96
C3 IPE I . -17.43 4.41 -3.04
C4 IPE I . -18.59 5.06 -3.24
C5 IPE I . -16.27 4.72 -3.90
PA IPE I . -19.06 0.58 -3.94
O1A IPE I . -18.53 0.13 -5.27
O2A IPE I . -20.47 1.09 -3.86
O3A IPE I . -18.87 -0.59 -2.82
PB IPE I . -18.98 -2.18 -2.96
O1B IPE I . -19.36 -2.62 -1.55
O2B IPE I . -17.58 -2.61 -3.32
O3B IPE I . -20.04 -2.56 -3.96
MG MG J . -21.13 7.55 0.68
MG MG K . -15.76 8.46 3.39
MG MG L . -17.72 6.13 4.12
#